data_2AB5
#
_entry.id   2AB5
#
_cell.length_a   63.600
_cell.length_b   80.200
_cell.length_c   66.400
_cell.angle_alpha   90.00
_cell.angle_beta   115.50
_cell.angle_gamma   90.00
#
_symmetry.space_group_name_H-M   'P 1 21 1'
#
loop_
_entity.id
_entity.type
_entity.pdbx_description
1 polymer 'mRNA maturase'
2 non-polymer 'SULFATE ION'
3 water water
#
_entity_poly.entity_id   1
_entity_poly.type   'polypeptide(L)'
_entity_poly.pdbx_seq_one_letter_code
;MGHHHHHHKLNTDNPIYAYIVGLFEGDGWITISKKGKYLLYELGIE(MSE)HIRDIQLLYKIKNILGIGKVTIKKLK
(MSE)KDGTIKE(MSE)CKFNVRNKNHLKNIIIPIFNKYP(MSE)LTNKHYDYLYFKDNLLKDIKYYNDLSYYLRPIKPF
NTTEDILNKNYFSSWLIGFFEAKSCFSIYKP(MSE)NKK(MSE)KTASFEVS(MSE)NNN(MSE)EV(MSE)LAIKSYLK
INNNIY(MSE)NEFNNSK(MSE)TTKSINDIKNVV(MSE)FINNNPIKLLGYKKLQYLLFLKDLRTITKYNNYFKIPSKY
;
_entity_poly.pdbx_strand_id   A,B
#
# COMPACT_ATOMS: atom_id res chain seq x y z
N LYS A 9 16.66 -10.35 6.20
CA LYS A 9 15.98 -9.12 6.60
C LYS A 9 14.65 -8.93 5.84
N LEU A 10 13.60 -8.55 6.56
CA LEU A 10 12.27 -8.33 5.99
C LEU A 10 12.19 -7.02 5.21
N ASN A 11 11.64 -7.08 4.01
CA ASN A 11 11.48 -5.87 3.20
C ASN A 11 10.28 -5.12 3.79
N THR A 12 10.49 -3.86 4.16
CA THR A 12 9.45 -3.05 4.77
C THR A 12 8.98 -1.85 3.92
N ASP A 13 9.07 -1.99 2.60
CA ASP A 13 8.65 -0.93 1.69
C ASP A 13 7.14 -0.82 1.50
N ASN A 14 6.41 -1.84 1.94
CA ASN A 14 4.96 -1.86 1.79
C ASN A 14 4.25 -0.98 2.80
N PRO A 15 3.53 0.05 2.32
CA PRO A 15 2.81 0.94 3.24
C PRO A 15 1.68 0.23 3.98
N ILE A 16 1.35 -1.01 3.63
CA ILE A 16 0.27 -1.67 4.37
C ILE A 16 0.74 -2.01 5.80
N TYR A 17 2.05 -2.01 5.99
CA TYR A 17 2.64 -2.27 7.31
C TYR A 17 2.40 -1.06 8.20
N ALA A 18 2.27 0.12 7.58
CA ALA A 18 2.00 1.35 8.35
C ALA A 18 0.54 1.30 8.77
N TYR A 19 -0.29 0.71 7.90
CA TYR A 19 -1.70 0.56 8.18
C TYR A 19 -1.79 -0.42 9.36
N ILE A 20 -1.00 -1.49 9.31
CA ILE A 20 -1.00 -2.46 10.40
C ILE A 20 -0.62 -1.77 11.72
N VAL A 21 0.45 -0.97 11.72
CA VAL A 21 0.85 -0.27 12.93
C VAL A 21 -0.28 0.63 13.41
N GLY A 22 -0.94 1.28 12.46
CA GLY A 22 -2.05 2.16 12.81
C GLY A 22 -3.18 1.41 13.48
N LEU A 23 -3.44 0.18 13.03
CA LEU A 23 -4.50 -0.66 13.59
C LEU A 23 -4.13 -1.16 14.99
N PHE A 24 -2.91 -1.64 15.16
CA PHE A 24 -2.49 -2.11 16.47
C PHE A 24 -2.41 -0.97 17.49
N GLU A 25 -1.93 0.19 17.06
CA GLU A 25 -1.85 1.32 17.99
C GLU A 25 -3.24 1.66 18.52
N GLY A 26 -4.26 1.42 17.70
CA GLY A 26 -5.61 1.73 18.12
C GLY A 26 -6.31 0.69 18.97
N ASP A 27 -6.22 -0.58 18.60
CA ASP A 27 -6.88 -1.66 19.35
C ASP A 27 -5.94 -2.73 19.88
N GLY A 28 -4.64 -2.57 19.63
CA GLY A 28 -3.71 -3.59 20.08
C GLY A 28 -2.84 -3.19 21.24
N TRP A 29 -1.83 -4.02 21.48
CA TRP A 29 -0.88 -3.83 22.56
C TRP A 29 0.36 -4.64 22.24
N ILE A 30 1.51 -4.17 22.75
CA ILE A 30 2.77 -4.87 22.57
C ILE A 30 3.37 -4.73 23.98
N THR A 31 3.35 -5.82 24.71
CA THR A 31 3.77 -5.81 26.09
C THR A 31 4.63 -7.00 26.53
N ILE A 32 5.24 -6.85 27.70
CA ILE A 32 6.05 -7.90 28.32
C ILE A 32 5.30 -8.18 29.63
N SER A 33 4.91 -9.42 29.85
CA SER A 33 4.18 -9.77 31.06
C SER A 33 4.82 -10.93 31.81
N LYS A 34 4.58 -10.95 33.12
CA LYS A 34 5.11 -11.97 34.02
C LYS A 34 4.35 -13.29 33.85
N LYS A 35 4.98 -14.37 34.29
CA LYS A 35 4.38 -15.71 34.24
C LYS A 35 5.18 -16.50 35.27
N GLY A 36 5.25 -15.93 36.47
CA GLY A 36 6.01 -16.53 37.55
C GLY A 36 7.39 -15.90 37.51
N LYS A 37 8.39 -16.69 37.14
CA LYS A 37 9.75 -16.18 37.04
C LYS A 37 10.03 -15.76 35.61
N TYR A 38 9.35 -16.41 34.66
CA TYR A 38 9.49 -16.12 33.23
C TYR A 38 8.85 -14.82 32.75
N LEU A 39 8.93 -14.59 31.44
CA LEU A 39 8.36 -13.40 30.81
C LEU A 39 7.66 -13.73 29.50
N LEU A 40 6.46 -13.21 29.30
CA LEU A 40 5.78 -13.45 28.03
C LEU A 40 5.89 -12.18 27.19
N TYR A 41 6.31 -12.32 25.95
CA TYR A 41 6.39 -11.17 25.06
C TYR A 41 5.21 -11.35 24.13
N GLU A 42 4.40 -10.31 23.97
CA GLU A 42 3.26 -10.45 23.10
C GLU A 42 2.79 -9.21 22.33
N LEU A 43 2.62 -9.37 21.02
CA LEU A 43 2.05 -8.31 20.20
C LEU A 43 0.65 -8.90 20.06
N GLY A 44 -0.37 -8.15 20.45
CA GLY A 44 -1.70 -8.71 20.35
C GLY A 44 -2.77 -7.70 20.02
N ILE A 45 -3.95 -8.22 19.68
CA ILE A 45 -5.09 -7.39 19.36
C ILE A 45 -6.40 -8.14 19.56
N GLU A 46 -7.39 -7.44 20.09
CA GLU A 46 -8.68 -8.03 20.35
C GLU A 46 -9.74 -7.18 19.67
N HIS A 48 -14.12 -7.36 17.97
CA HIS A 48 -15.41 -8.03 18.06
C HIS A 48 -15.44 -9.12 17.01
N ILE A 49 -16.36 -10.07 17.17
CA ILE A 49 -16.48 -11.19 16.23
C ILE A 49 -16.74 -10.75 14.78
N ARG A 50 -17.34 -9.57 14.61
CA ARG A 50 -17.63 -9.01 13.29
C ARG A 50 -16.32 -8.83 12.48
N ASP A 51 -15.17 -8.74 13.15
CA ASP A 51 -13.88 -8.58 12.45
C ASP A 51 -12.94 -9.79 12.50
N ILE A 52 -13.48 -10.99 12.69
CA ILE A 52 -12.61 -12.16 12.74
C ILE A 52 -11.90 -12.35 11.40
N GLN A 53 -12.58 -12.03 10.32
CA GLN A 53 -11.97 -12.15 8.99
C GLN A 53 -10.79 -11.19 8.87
N LEU A 54 -10.91 -10.02 9.48
CA LEU A 54 -9.85 -9.03 9.46
C LEU A 54 -8.61 -9.58 10.18
N LEU A 55 -8.81 -10.27 11.31
CA LEU A 55 -7.67 -10.82 12.03
C LEU A 55 -6.95 -11.84 11.14
N TYR A 56 -7.72 -12.63 10.40
CA TYR A 56 -7.13 -13.61 9.49
C TYR A 56 -6.35 -12.95 8.36
N LYS A 57 -6.77 -11.74 7.95
CA LYS A 57 -6.05 -11.01 6.92
C LYS A 57 -4.71 -10.56 7.52
N ILE A 58 -4.75 -10.01 8.73
CA ILE A 58 -3.52 -9.59 9.41
C ILE A 58 -2.56 -10.78 9.46
N LYS A 59 -3.04 -11.93 9.93
CA LYS A 59 -2.26 -13.15 10.03
C LYS A 59 -1.57 -13.54 8.72
N ASN A 60 -2.31 -13.50 7.63
CA ASN A 60 -1.77 -13.86 6.34
C ASN A 60 -0.83 -12.82 5.77
N ILE A 61 -1.05 -11.57 6.12
CA ILE A 61 -0.19 -10.49 5.66
C ILE A 61 1.16 -10.48 6.42
N LEU A 62 1.11 -10.74 7.73
CA LEU A 62 2.32 -10.75 8.52
C LEU A 62 3.06 -12.09 8.37
N GLY A 63 2.31 -13.14 8.01
CA GLY A 63 2.87 -14.46 7.81
C GLY A 63 3.20 -15.22 9.09
N ILE A 64 2.73 -14.69 10.22
CA ILE A 64 2.97 -15.28 11.53
C ILE A 64 1.76 -15.04 12.41
N GLY A 65 1.79 -15.59 13.62
CA GLY A 65 0.71 -15.37 14.56
C GLY A 65 -0.42 -16.37 14.58
N LYS A 66 -1.34 -16.20 15.53
CA LYS A 66 -2.46 -17.09 15.69
C LYS A 66 -3.76 -16.36 16.00
N VAL A 67 -4.85 -16.86 15.43
CA VAL A 67 -6.16 -16.28 15.66
C VAL A 67 -6.96 -17.22 16.55
N THR A 68 -7.62 -16.66 17.55
CA THR A 68 -8.40 -17.45 18.48
C THR A 68 -9.69 -16.74 18.83
N ILE A 69 -10.64 -17.50 19.34
CA ILE A 69 -11.91 -16.93 19.75
C ILE A 69 -11.93 -17.05 21.26
N LYS A 70 -12.27 -15.97 21.93
CA LYS A 70 -12.30 -15.95 23.39
C LYS A 70 -13.73 -15.88 23.91
N LYS A 71 -14.02 -16.70 24.91
CA LYS A 71 -15.35 -16.70 25.50
C LYS A 71 -15.25 -16.08 26.87
N LEU A 72 -15.90 -14.94 27.05
CA LEU A 72 -15.88 -14.24 28.32
C LEU A 72 -17.09 -14.62 29.14
N LYS A 73 -16.88 -15.36 30.22
CA LYS A 73 -17.99 -15.77 31.07
C LYS A 73 -18.41 -14.60 31.95
N LYS A 75 -20.91 -12.36 34.60
CA LYS A 75 -21.50 -12.69 35.90
C LYS A 75 -22.98 -13.06 35.81
N ASP A 76 -23.68 -12.51 34.81
CA ASP A 76 -25.10 -12.81 34.65
C ASP A 76 -25.34 -14.22 34.09
N GLY A 77 -24.26 -14.91 33.72
CA GLY A 77 -24.41 -16.26 33.20
C GLY A 77 -24.30 -16.38 31.70
N THR A 78 -24.17 -15.24 31.03
CA THR A 78 -24.04 -15.25 29.57
C THR A 78 -22.58 -15.25 29.16
N ILE A 79 -22.31 -15.84 28.01
CA ILE A 79 -20.97 -15.91 27.44
C ILE A 79 -20.88 -14.91 26.30
N LYS A 80 -19.98 -13.95 26.44
CA LYS A 80 -19.74 -12.94 25.42
C LYS A 80 -18.52 -13.39 24.61
N GLU A 81 -18.51 -13.07 23.31
CA GLU A 81 -17.39 -13.48 22.50
C GLU A 81 -16.60 -12.33 21.89
N CYS A 83 -12.64 -11.93 19.38
CA CYS A 83 -11.63 -12.71 18.69
C CYS A 83 -10.30 -12.03 18.94
N LYS A 84 -9.23 -12.79 18.85
CA LYS A 84 -7.91 -12.24 19.10
C LYS A 84 -6.83 -12.79 18.19
N PHE A 85 -5.84 -11.93 17.95
CA PHE A 85 -4.69 -12.28 17.14
C PHE A 85 -3.47 -11.89 17.98
N ASN A 86 -2.47 -12.76 18.02
CA ASN A 86 -1.27 -12.48 18.79
C ASN A 86 -0.02 -13.16 18.25
N VAL A 87 1.14 -12.60 18.60
CA VAL A 87 2.42 -13.18 18.20
C VAL A 87 3.25 -13.29 19.47
N ARG A 88 3.68 -14.51 19.79
CA ARG A 88 4.48 -14.74 21.00
C ARG A 88 5.86 -15.30 20.74
N ASN A 89 6.06 -15.84 19.54
CA ASN A 89 7.34 -16.42 19.19
C ASN A 89 8.40 -15.33 19.12
N LYS A 90 9.40 -15.45 19.99
CA LYS A 90 10.50 -14.48 20.07
C LYS A 90 11.19 -14.23 18.74
N ASN A 91 11.39 -15.29 17.95
CA ASN A 91 12.04 -15.12 16.66
C ASN A 91 11.14 -14.38 15.69
N HIS A 92 9.86 -14.70 15.71
CA HIS A 92 8.90 -14.03 14.85
C HIS A 92 8.84 -12.56 15.21
N LEU A 93 8.87 -12.27 16.51
CA LEU A 93 8.81 -10.88 16.97
C LEU A 93 10.04 -10.09 16.54
N LYS A 94 11.21 -10.72 16.67
CA LYS A 94 12.47 -10.09 16.32
C LYS A 94 12.63 -9.90 14.83
N ASN A 95 12.26 -10.92 14.06
CA ASN A 95 12.41 -10.89 12.61
C ASN A 95 11.31 -10.24 11.77
N ILE A 96 10.10 -10.12 12.30
CA ILE A 96 9.02 -9.52 11.52
C ILE A 96 8.53 -8.25 12.13
N ILE A 97 8.05 -8.36 13.37
CA ILE A 97 7.47 -7.25 14.12
C ILE A 97 8.38 -6.06 14.40
N ILE A 98 9.62 -6.32 14.81
CA ILE A 98 10.56 -5.25 15.12
C ILE A 98 10.86 -4.36 13.89
N PRO A 99 11.17 -4.97 12.75
CA PRO A 99 11.45 -4.21 11.53
C PRO A 99 10.28 -3.34 11.08
N ILE A 100 9.06 -3.88 11.21
CA ILE A 100 7.86 -3.14 10.83
C ILE A 100 7.67 -1.90 11.69
N PHE A 101 7.78 -2.08 13.00
CA PHE A 101 7.61 -0.95 13.92
C PHE A 101 8.79 0.02 13.87
N ASN A 102 9.94 -0.47 13.44
CA ASN A 102 11.13 0.38 13.30
C ASN A 102 10.86 1.27 12.10
N LYS A 103 10.38 0.65 11.02
CA LYS A 103 10.08 1.37 9.79
C LYS A 103 8.92 2.35 9.92
N TYR A 104 7.84 1.92 10.57
CA TYR A 104 6.66 2.77 10.73
C TYR A 104 6.26 2.94 12.19
N PRO A 105 7.05 3.70 12.96
CA PRO A 105 6.86 3.98 14.39
C PRO A 105 5.46 4.46 14.75
N LEU A 107 2.66 6.68 16.69
CA LEU A 107 2.68 8.13 16.86
C LEU A 107 2.42 8.70 18.25
N THR A 108 1.73 7.97 19.11
CA THR A 108 1.42 8.45 20.45
C THR A 108 2.43 7.96 21.48
N ASN A 109 2.11 8.17 22.76
CA ASN A 109 2.96 7.73 23.85
C ASN A 109 3.17 6.21 23.82
N LYS A 110 2.23 5.52 23.19
CA LYS A 110 2.27 4.06 23.11
C LYS A 110 3.59 3.62 22.50
N HIS A 111 4.22 4.51 21.74
CA HIS A 111 5.49 4.22 21.10
C HIS A 111 6.55 3.83 22.16
N TYR A 112 6.40 4.38 23.36
CA TYR A 112 7.30 4.07 24.46
C TYR A 112 7.19 2.60 24.85
N ASP A 113 5.98 2.03 24.77
CA ASP A 113 5.79 0.62 25.10
C ASP A 113 6.64 -0.18 24.12
N TYR A 114 6.66 0.26 22.86
CA TYR A 114 7.43 -0.44 21.83
C TYR A 114 8.93 -0.43 22.12
N LEU A 115 9.49 0.75 22.34
CA LEU A 115 10.92 0.87 22.63
C LEU A 115 11.28 -0.04 23.81
N TYR A 116 10.51 0.05 24.90
CA TYR A 116 10.74 -0.77 26.07
C TYR A 116 10.76 -2.25 25.67
N PHE A 117 9.68 -2.67 25.02
CA PHE A 117 9.48 -4.04 24.53
C PHE A 117 10.69 -4.51 23.70
N LYS A 118 11.12 -3.65 22.79
CA LYS A 118 12.22 -3.92 21.90
C LYS A 118 13.58 -3.98 22.57
N ASP A 119 13.83 -3.08 23.51
CA ASP A 119 15.12 -3.09 24.18
C ASP A 119 15.33 -4.40 24.93
N ASN A 120 14.31 -4.81 25.67
CA ASN A 120 14.38 -6.03 26.45
C ASN A 120 14.46 -7.29 25.62
N LEU A 121 13.63 -7.36 24.59
CA LEU A 121 13.62 -8.50 23.70
C LEU A 121 14.98 -8.68 23.03
N LEU A 122 15.56 -7.58 22.59
CA LEU A 122 16.85 -7.68 21.91
C LEU A 122 17.95 -8.04 22.89
N LYS A 123 17.86 -7.53 24.11
CA LYS A 123 18.85 -7.87 25.13
C LYS A 123 18.60 -9.27 25.64
N ASP A 124 17.56 -9.91 25.09
CA ASP A 124 17.25 -11.27 25.46
C ASP A 124 16.81 -11.45 26.91
N ILE A 125 16.19 -10.43 27.50
CA ILE A 125 15.73 -10.54 28.87
C ILE A 125 14.69 -11.65 28.98
N LYS A 126 14.93 -12.60 29.90
CA LYS A 126 14.04 -13.74 30.09
C LYS A 126 13.38 -13.80 31.45
N TYR A 127 13.91 -13.07 32.42
CA TYR A 127 13.36 -13.12 33.76
C TYR A 127 12.79 -11.83 34.27
N TYR A 128 11.61 -11.91 34.87
CA TYR A 128 10.96 -10.74 35.41
C TYR A 128 11.88 -9.99 36.36
N ASN A 129 12.83 -10.69 36.96
CA ASN A 129 13.75 -10.07 37.91
C ASN A 129 14.79 -9.21 37.21
N ASP A 130 15.03 -9.48 35.94
CA ASP A 130 16.02 -8.71 35.18
C ASP A 130 15.36 -7.56 34.44
N LEU A 131 14.06 -7.40 34.66
CA LEU A 131 13.29 -6.36 33.99
C LEU A 131 13.25 -5.03 34.73
N SER A 132 13.80 -4.00 34.10
CA SER A 132 13.80 -2.67 34.69
C SER A 132 12.36 -2.16 34.79
N TYR A 133 12.09 -1.32 35.78
CA TYR A 133 10.75 -0.78 35.98
C TYR A 133 10.27 0.04 34.78
N TYR A 134 8.96 0.04 34.53
CA TYR A 134 8.42 0.81 33.40
C TYR A 134 7.00 1.35 33.54
N LEU A 135 6.83 2.64 33.29
CA LEU A 135 5.52 3.28 33.31
C LEU A 135 5.47 4.22 32.09
N ARG A 136 4.55 3.96 31.18
CA ARG A 136 4.45 4.78 29.97
C ARG A 136 4.47 6.27 30.27
N PRO A 137 5.44 7.00 29.68
CA PRO A 137 5.56 8.45 29.86
C PRO A 137 4.22 9.11 29.70
N ILE A 138 4.04 10.25 30.35
CA ILE A 138 2.78 10.97 30.30
C ILE A 138 2.79 12.04 29.22
N LYS A 139 3.97 12.60 28.98
CA LYS A 139 4.15 13.63 27.96
C LYS A 139 4.17 12.98 26.57
N PRO A 140 3.54 13.62 25.57
CA PRO A 140 3.52 13.06 24.21
C PRO A 140 4.91 12.97 23.59
N PHE A 141 5.14 11.90 22.81
CA PHE A 141 6.42 11.69 22.16
C PHE A 141 6.60 12.62 20.96
N ASN A 142 5.52 12.79 20.19
CA ASN A 142 5.54 13.64 19.02
C ASN A 142 4.69 14.88 19.20
N THR A 143 4.96 15.89 18.39
CA THR A 143 4.15 17.09 18.39
C THR A 143 3.31 16.97 17.12
N THR A 144 2.26 17.79 17.02
CA THR A 144 1.41 17.78 15.84
C THR A 144 2.21 17.95 14.57
N GLU A 145 3.22 18.82 14.62
CA GLU A 145 4.07 19.07 13.45
C GLU A 145 4.94 17.85 13.13
N ASP A 146 5.40 17.13 14.16
CA ASP A 146 6.22 15.94 13.92
C ASP A 146 5.35 14.93 13.19
N ILE A 147 4.09 14.83 13.63
CA ILE A 147 3.13 13.90 13.04
C ILE A 147 2.95 14.24 11.56
N LEU A 148 2.59 15.49 11.30
CA LEU A 148 2.37 15.97 9.94
C LEU A 148 3.59 15.79 9.06
N ASN A 149 4.76 15.65 9.66
CA ASN A 149 6.00 15.46 8.91
C ASN A 149 6.30 14.03 8.51
N LYS A 150 5.55 13.08 9.08
CA LYS A 150 5.76 11.69 8.74
C LYS A 150 5.11 11.40 7.39
N ASN A 151 5.89 10.82 6.48
CA ASN A 151 5.39 10.52 5.15
C ASN A 151 4.55 9.24 5.06
N TYR A 152 4.20 8.64 6.18
CA TYR A 152 3.39 7.42 6.16
C TYR A 152 2.16 7.64 7.01
N PHE A 153 1.91 8.90 7.36
CA PHE A 153 0.76 9.26 8.22
C PHE A 153 -0.58 8.86 7.61
N SER A 154 -0.75 9.08 6.31
CA SER A 154 -2.01 8.76 5.67
C SER A 154 -2.33 7.26 5.66
N SER A 155 -1.30 6.41 5.66
CA SER A 155 -1.48 4.95 5.67
C SER A 155 -1.76 4.49 7.09
N TRP A 156 -1.08 5.13 8.03
CA TRP A 156 -1.29 4.83 9.45
C TRP A 156 -2.73 5.22 9.78
N LEU A 157 -3.16 6.37 9.24
CA LEU A 157 -4.49 6.90 9.50
C LEU A 157 -5.64 5.94 9.15
N ILE A 158 -5.47 5.17 8.08
CA ILE A 158 -6.51 4.22 7.70
C ILE A 158 -6.59 3.07 8.73
N GLY A 159 -5.45 2.57 9.19
CA GLY A 159 -5.45 1.50 10.17
C GLY A 159 -6.04 2.00 11.47
N PHE A 160 -5.72 3.26 11.78
CA PHE A 160 -6.22 3.88 13.00
C PHE A 160 -7.72 4.16 12.87
N PHE A 161 -8.18 4.44 11.67
CA PHE A 161 -9.62 4.67 11.45
C PHE A 161 -10.34 3.31 11.52
N GLU A 162 -9.67 2.26 11.05
CA GLU A 162 -10.22 0.92 11.06
C GLU A 162 -10.59 0.55 12.50
N ALA A 163 -9.76 1.01 13.42
CA ALA A 163 -9.96 0.73 14.84
C ALA A 163 -10.80 1.74 15.60
N LYS A 164 -10.53 3.04 15.39
CA LYS A 164 -11.17 4.10 16.17
C LYS A 164 -12.10 5.14 15.55
N SER A 165 -12.39 5.05 14.27
CA SER A 165 -13.30 6.02 13.64
C SER A 165 -14.71 5.45 13.63
N CYS A 166 -15.69 6.30 13.36
CA CYS A 166 -17.07 5.87 13.30
C CYS A 166 -17.93 6.72 12.38
N PHE A 167 -18.53 6.08 11.39
CA PHE A 167 -19.41 6.74 10.43
C PHE A 167 -20.83 6.46 10.85
N SER A 168 -21.62 7.49 11.14
CA SER A 168 -23.01 7.29 11.53
C SER A 168 -24.01 8.23 10.86
N ILE A 169 -25.14 7.67 10.47
CA ILE A 169 -26.23 8.40 9.83
C ILE A 169 -27.42 8.15 10.75
N TYR A 170 -28.19 9.20 11.03
CA TYR A 170 -29.33 9.07 11.91
C TYR A 170 -30.17 10.34 11.88
N LYS A 171 -31.41 10.22 12.30
CA LYS A 171 -32.30 11.37 12.36
C LYS A 171 -32.59 11.64 13.82
N PRO A 172 -32.01 12.71 14.37
CA PRO A 172 -32.27 13.03 15.79
C PRO A 172 -33.75 13.32 16.00
N ASN A 174 -35.08 15.69 17.36
CA ASN A 174 -35.28 17.13 17.57
C ASN A 174 -35.00 17.89 16.26
N LYS A 175 -34.76 17.14 15.20
CA LYS A 175 -34.51 17.70 13.87
C LYS A 175 -35.36 16.86 12.91
N LYS A 176 -35.85 17.48 11.84
CA LYS A 176 -36.70 16.76 10.90
C LYS A 176 -35.91 15.83 9.98
N LYS A 178 -32.16 13.68 8.69
CA LYS A 178 -30.95 12.96 9.07
C LYS A 178 -29.68 13.79 8.97
N THR A 179 -28.72 13.44 9.82
CA THR A 179 -27.43 14.12 9.88
C THR A 179 -26.32 13.09 9.66
N ALA A 180 -25.22 13.55 9.08
CA ALA A 180 -24.07 12.69 8.81
C ALA A 180 -22.93 13.11 9.72
N SER A 181 -22.32 12.14 10.38
CA SER A 181 -21.21 12.45 11.26
C SER A 181 -20.06 11.46 11.18
N PHE A 182 -18.86 12.00 11.37
CA PHE A 182 -17.65 11.20 11.38
C PHE A 182 -17.00 11.51 12.73
N GLU A 183 -16.66 10.45 13.46
CA GLU A 183 -16.04 10.62 14.77
C GLU A 183 -14.87 9.67 14.93
N VAL A 184 -13.91 10.10 15.74
CA VAL A 184 -12.71 9.34 16.03
C VAL A 184 -12.58 9.28 17.55
N SER A 185 -12.51 8.08 18.12
CA SER A 185 -12.38 7.93 19.57
C SER A 185 -11.04 8.46 20.05
N ASN A 187 -8.11 9.26 23.19
CA ASN A 187 -7.50 8.56 24.30
C ASN A 187 -6.19 9.28 24.60
N ASN A 188 -6.31 10.52 25.07
CA ASN A 188 -5.14 11.32 25.39
C ASN A 188 -4.19 11.39 24.19
N ASN A 189 -4.71 11.76 23.03
CA ASN A 189 -3.89 11.84 21.81
C ASN A 189 -4.17 13.13 21.04
N GLU A 191 -2.47 15.59 20.26
CA GLU A 191 -1.48 16.03 19.28
C GLU A 191 -1.76 15.29 17.97
N VAL A 192 -2.26 14.07 18.09
CA VAL A 192 -2.62 13.26 16.93
C VAL A 192 -3.96 13.77 16.39
N LEU A 194 -5.15 16.79 16.50
CA LEU A 194 -4.93 18.07 15.83
C LEU A 194 -4.31 17.87 14.46
N ALA A 195 -3.43 16.87 14.36
CA ALA A 195 -2.82 16.60 13.06
C ALA A 195 -3.90 16.11 12.08
N ILE A 196 -4.87 15.35 12.57
CA ILE A 196 -5.94 14.84 11.71
C ILE A 196 -6.81 16.00 11.23
N LYS A 197 -7.18 16.89 12.17
CA LYS A 197 -8.00 18.05 11.85
C LYS A 197 -7.31 18.88 10.78
N SER A 198 -6.02 19.11 10.98
CA SER A 198 -5.23 19.88 10.05
C SER A 198 -5.09 19.17 8.71
N TYR A 199 -4.54 17.95 8.75
CA TYR A 199 -4.32 17.17 7.54
C TYR A 199 -5.56 16.99 6.66
N LEU A 200 -6.74 16.81 7.27
CA LEU A 200 -7.97 16.60 6.51
C LEU A 200 -8.81 17.86 6.31
N LYS A 201 -8.25 19.00 6.70
CA LYS A 201 -8.94 20.29 6.56
C LYS A 201 -10.34 20.23 7.14
N ILE A 202 -10.42 19.86 8.40
CA ILE A 202 -11.67 19.75 9.10
C ILE A 202 -11.80 21.05 9.88
N ASN A 203 -12.93 21.74 9.71
CA ASN A 203 -13.12 23.03 10.37
C ASN A 203 -14.23 23.15 11.39
N ASN A 204 -15.17 22.21 11.41
CA ASN A 204 -16.27 22.31 12.36
C ASN A 204 -16.35 21.16 13.34
N ASN A 205 -15.21 20.59 13.70
CA ASN A 205 -15.17 19.48 14.63
C ASN A 205 -15.51 19.95 16.04
N ILE A 206 -16.04 19.03 16.84
CA ILE A 206 -16.39 19.29 18.22
C ILE A 206 -15.81 18.15 19.05
N TYR A 207 -15.64 18.36 20.35
CA TYR A 207 -15.12 17.30 21.21
C TYR A 207 -16.20 16.79 22.17
N ASN A 209 -17.38 14.00 25.57
CA ASN A 209 -16.90 13.40 26.82
C ASN A 209 -18.03 12.65 27.51
N GLU A 210 -18.82 11.93 26.72
CA GLU A 210 -19.92 11.14 27.22
C GLU A 210 -19.35 9.92 27.95
N PHE A 211 -19.22 10.03 29.28
CA PHE A 211 -18.64 8.96 30.09
C PHE A 211 -17.17 8.82 29.68
N ASN A 212 -16.37 9.83 30.02
CA ASN A 212 -14.95 9.85 29.68
C ASN A 212 -14.71 9.36 28.25
N ASN A 213 -15.71 9.54 27.39
CA ASN A 213 -15.61 9.13 25.99
C ASN A 213 -15.00 10.24 25.15
N SER A 214 -13.80 10.67 25.52
CA SER A 214 -13.12 11.71 24.77
C SER A 214 -13.08 11.30 23.30
N LYS A 215 -13.57 12.17 22.43
CA LYS A 215 -13.59 11.91 20.99
C LYS A 215 -13.78 13.18 20.17
N THR A 217 -15.70 14.91 16.78
CA THR A 217 -16.85 14.73 15.91
C THR A 217 -17.12 15.94 15.00
N THR A 218 -17.67 15.66 13.81
CA THR A 218 -18.03 16.70 12.88
C THR A 218 -19.22 16.24 12.04
N LYS A 219 -20.10 17.18 11.70
CA LYS A 219 -21.27 16.86 10.90
C LYS A 219 -21.42 17.88 9.77
N SER A 220 -20.50 18.84 9.69
CA SER A 220 -20.58 19.85 8.65
C SER A 220 -20.36 19.20 7.30
N ILE A 221 -21.16 19.63 6.32
CA ILE A 221 -21.09 19.07 4.99
C ILE A 221 -19.68 19.08 4.40
N ASN A 222 -18.98 20.20 4.53
CA ASN A 222 -17.63 20.26 3.97
C ASN A 222 -16.66 19.33 4.67
N ASP A 223 -16.79 19.20 5.99
CA ASP A 223 -15.90 18.32 6.74
C ASP A 223 -16.10 16.89 6.27
N ILE A 224 -17.36 16.46 6.24
CA ILE A 224 -17.71 15.11 5.78
C ILE A 224 -17.19 14.88 4.36
N LYS A 225 -17.22 15.92 3.53
CA LYS A 225 -16.74 15.79 2.17
C LYS A 225 -15.26 15.43 2.18
N ASN A 226 -14.50 16.15 2.99
CA ASN A 226 -13.07 15.94 3.11
C ASN A 226 -12.73 14.54 3.58
N VAL A 227 -13.51 14.02 4.51
CA VAL A 227 -13.25 12.68 5.04
C VAL A 227 -13.54 11.60 4.00
N VAL A 228 -14.71 11.71 3.35
CA VAL A 228 -15.08 10.71 2.35
C VAL A 228 -14.08 10.66 1.21
N PHE A 230 -10.85 11.63 1.25
CA PHE A 230 -9.56 11.14 1.74
C PHE A 230 -9.61 9.60 1.75
N ILE A 231 -10.65 9.06 2.40
CA ILE A 231 -10.81 7.62 2.47
C ILE A 231 -10.89 6.99 1.09
N ASN A 232 -11.78 7.50 0.25
CA ASN A 232 -11.96 6.91 -1.07
C ASN A 232 -10.77 7.00 -2.02
N ASN A 233 -9.95 8.04 -1.90
CA ASN A 233 -8.80 8.18 -2.79
C ASN A 233 -7.52 7.48 -2.30
N ASN A 234 -7.53 7.04 -1.06
CA ASN A 234 -6.35 6.38 -0.50
C ASN A 234 -6.19 4.97 -1.08
N PRO A 235 -4.98 4.61 -1.54
CA PRO A 235 -4.73 3.27 -2.10
C PRO A 235 -4.77 2.21 -0.98
N ILE A 236 -4.61 2.68 0.25
CA ILE A 236 -4.62 1.84 1.45
C ILE A 236 -6.07 1.85 1.92
N LYS A 237 -6.69 0.67 2.02
CA LYS A 237 -8.09 0.58 2.36
C LYS A 237 -8.48 -0.02 3.71
N LEU A 238 -9.73 0.25 4.08
CA LEU A 238 -10.35 -0.29 5.28
C LEU A 238 -10.60 -1.75 4.87
N LEU A 239 -10.25 -2.69 5.74
CA LEU A 239 -10.36 -4.10 5.39
C LEU A 239 -11.39 -4.93 6.14
N GLY A 240 -11.83 -4.45 7.29
CA GLY A 240 -12.79 -5.20 8.08
C GLY A 240 -14.17 -4.60 8.13
N TYR A 241 -14.86 -4.81 9.24
CA TYR A 241 -16.21 -4.29 9.41
C TYR A 241 -16.31 -2.79 9.12
N LYS A 242 -15.27 -2.05 9.47
CA LYS A 242 -15.24 -0.60 9.27
C LYS A 242 -15.52 -0.21 7.82
N LYS A 243 -15.07 -1.06 6.91
CA LYS A 243 -15.27 -0.87 5.48
C LYS A 243 -16.77 -0.98 5.19
N LEU A 244 -17.39 -2.03 5.72
CA LEU A 244 -18.83 -2.25 5.52
C LEU A 244 -19.58 -1.04 6.10
N GLN A 245 -19.15 -0.56 7.25
CA GLN A 245 -19.81 0.58 7.87
C GLN A 245 -19.63 1.81 6.98
N TYR A 246 -18.47 1.92 6.37
CA TYR A 246 -18.18 3.03 5.47
C TYR A 246 -19.10 2.97 4.24
N LEU A 247 -19.21 1.79 3.63
CA LEU A 247 -20.05 1.64 2.45
C LEU A 247 -21.53 1.86 2.75
N LEU A 248 -22.02 1.43 3.91
CA LEU A 248 -23.43 1.64 4.26
C LEU A 248 -23.67 3.14 4.51
N PHE A 249 -22.63 3.79 5.02
CA PHE A 249 -22.68 5.22 5.31
C PHE A 249 -22.89 6.03 4.02
N LEU A 250 -22.10 5.73 2.98
CA LEU A 250 -22.19 6.43 1.70
C LEU A 250 -23.55 6.23 1.05
N LYS A 251 -24.02 4.98 1.03
CA LYS A 251 -25.32 4.65 0.44
C LYS A 251 -26.40 5.52 1.06
N ASP A 252 -26.35 5.73 2.37
CA ASP A 252 -27.32 6.56 3.05
C ASP A 252 -27.03 8.04 2.78
N LEU A 253 -25.76 8.43 2.89
CA LEU A 253 -25.36 9.81 2.66
C LEU A 253 -25.91 10.32 1.33
N ARG A 254 -26.03 9.41 0.36
CA ARG A 254 -26.54 9.76 -0.96
C ARG A 254 -27.98 10.25 -0.93
N THR A 255 -28.73 9.89 0.11
CA THR A 255 -30.13 10.29 0.22
C THR A 255 -30.37 11.53 1.08
N ILE A 256 -29.30 12.18 1.53
CA ILE A 256 -29.45 13.37 2.32
C ILE A 256 -29.12 14.55 1.42
N THR A 257 -30.16 15.29 1.05
CA THR A 257 -30.06 16.43 0.15
C THR A 257 -28.84 17.34 0.31
N LYS A 258 -28.66 17.92 1.51
CA LYS A 258 -27.54 18.84 1.68
C LYS A 258 -26.14 18.27 1.43
N TYR A 259 -25.95 16.97 1.67
CA TYR A 259 -24.64 16.37 1.44
C TYR A 259 -24.48 15.95 -0.01
N ASN A 260 -25.55 15.38 -0.56
CA ASN A 260 -25.54 14.90 -1.92
C ASN A 260 -25.35 16.01 -2.97
N ASN A 261 -25.88 17.19 -2.67
CA ASN A 261 -25.80 18.33 -3.59
C ASN A 261 -24.46 19.06 -3.46
N TYR A 262 -23.81 18.86 -2.32
CA TYR A 262 -22.55 19.51 -2.05
C TYR A 262 -21.37 18.94 -2.83
N PHE A 263 -21.37 17.64 -3.09
CA PHE A 263 -20.28 17.02 -3.84
C PHE A 263 -20.67 15.66 -4.42
N LYS A 264 -19.85 15.17 -5.34
CA LYS A 264 -20.08 13.88 -5.98
C LYS A 264 -19.56 12.72 -5.13
N ILE A 265 -20.48 12.06 -4.42
CA ILE A 265 -20.17 10.93 -3.56
C ILE A 265 -19.77 9.71 -4.41
N PRO A 266 -18.51 9.25 -4.27
CA PRO A 266 -18.00 8.10 -5.02
C PRO A 266 -18.92 6.87 -4.98
N SER A 267 -18.99 6.16 -6.10
CA SER A 267 -19.83 4.95 -6.21
C SER A 267 -19.01 3.68 -6.11
N LYS A 268 -17.69 3.80 -6.28
CA LYS A 268 -16.79 2.67 -6.17
C LYS A 268 -15.66 3.02 -5.19
N TYR A 269 -15.47 2.19 -4.17
CA TYR A 269 -14.42 2.43 -3.19
C TYR A 269 -13.18 1.63 -3.57
N HIS B 8 -2.86 -21.75 4.21
CA HIS B 8 -3.95 -20.82 3.79
C HIS B 8 -3.64 -20.28 2.39
N LYS B 9 -4.45 -19.33 1.93
CA LYS B 9 -4.26 -18.72 0.60
C LYS B 9 -3.66 -17.32 0.69
N LEU B 10 -3.16 -16.82 -0.44
CA LEU B 10 -2.52 -15.51 -0.51
C LEU B 10 -3.44 -14.30 -0.39
N ASN B 11 -3.24 -13.50 0.65
CA ASN B 11 -4.04 -12.29 0.85
C ASN B 11 -3.53 -11.27 -0.18
N THR B 12 -4.45 -10.73 -0.98
CA THR B 12 -4.08 -9.78 -2.03
C THR B 12 -4.66 -8.37 -1.94
N ASP B 13 -5.16 -7.96 -0.78
CA ASP B 13 -5.71 -6.60 -0.65
C ASP B 13 -4.61 -5.52 -0.51
N ASN B 14 -3.36 -5.92 -0.66
CA ASN B 14 -2.22 -4.99 -0.57
C ASN B 14 -1.86 -4.41 -1.93
N PRO B 15 -1.96 -3.08 -2.07
CA PRO B 15 -1.68 -2.26 -3.26
C PRO B 15 -0.30 -2.45 -3.89
N ILE B 16 0.71 -2.82 -3.10
CA ILE B 16 2.02 -2.98 -3.68
C ILE B 16 2.05 -4.09 -4.73
N TYR B 17 1.06 -4.98 -4.67
CA TYR B 17 0.98 -6.08 -5.64
C TYR B 17 0.52 -5.50 -6.98
N ALA B 18 -0.20 -4.38 -6.93
CA ALA B 18 -0.64 -3.72 -8.16
C ALA B 18 0.61 -3.03 -8.73
N TYR B 19 1.46 -2.50 -7.85
CA TYR B 19 2.69 -1.87 -8.26
C TYR B 19 3.55 -2.93 -8.96
N ILE B 20 3.56 -4.14 -8.42
CA ILE B 20 4.35 -5.19 -9.05
C ILE B 20 3.82 -5.50 -10.44
N VAL B 21 2.50 -5.55 -10.60
CA VAL B 21 1.95 -5.84 -11.93
C VAL B 21 2.38 -4.73 -12.88
N GLY B 22 2.30 -3.49 -12.42
CA GLY B 22 2.70 -2.37 -13.26
C GLY B 22 4.14 -2.53 -13.73
N LEU B 23 5.03 -2.90 -12.80
CA LEU B 23 6.45 -3.10 -13.11
C LEU B 23 6.66 -4.23 -14.11
N PHE B 24 6.03 -5.38 -13.88
CA PHE B 24 6.17 -6.48 -14.83
C PHE B 24 5.44 -6.19 -16.15
N GLU B 25 4.35 -5.43 -16.11
CA GLU B 25 3.67 -5.15 -17.39
C GLU B 25 4.59 -4.28 -18.25
N GLY B 26 5.26 -3.33 -17.60
CA GLY B 26 6.14 -2.44 -18.33
C GLY B 26 7.40 -3.09 -18.88
N ASP B 27 8.09 -3.86 -18.05
CA ASP B 27 9.34 -4.49 -18.47
C ASP B 27 9.49 -5.98 -18.30
N GLY B 28 8.47 -6.66 -17.81
CA GLY B 28 8.60 -8.09 -17.62
C GLY B 28 7.92 -8.90 -18.72
N TRP B 29 7.69 -10.17 -18.41
CA TRP B 29 7.03 -11.06 -19.35
C TRP B 29 6.50 -12.28 -18.58
N ILE B 30 5.49 -12.92 -19.16
CA ILE B 30 4.88 -14.09 -18.57
C ILE B 30 4.53 -14.94 -19.78
N THR B 31 5.36 -15.95 -20.00
CA THR B 31 5.26 -16.80 -21.17
C THR B 31 5.41 -18.30 -20.94
N ILE B 32 5.09 -19.04 -21.99
CA ILE B 32 5.19 -20.50 -22.04
C ILE B 32 6.04 -20.71 -23.28
N SER B 33 7.07 -21.53 -23.18
CA SER B 33 7.97 -21.79 -24.30
C SER B 33 8.25 -23.28 -24.43
N LYS B 34 8.67 -23.68 -25.63
CA LYS B 34 8.97 -25.06 -25.94
C LYS B 34 10.37 -25.49 -25.48
N LYS B 35 10.44 -26.48 -24.60
CA LYS B 35 11.71 -27.00 -24.13
C LYS B 35 11.76 -28.47 -24.55
N GLY B 36 12.01 -28.68 -25.84
CA GLY B 36 12.05 -30.02 -26.38
C GLY B 36 10.60 -30.42 -26.61
N LYS B 37 10.16 -31.47 -25.93
CA LYS B 37 8.78 -31.91 -26.06
C LYS B 37 8.00 -31.47 -24.82
N TYR B 38 8.67 -30.71 -23.96
CA TYR B 38 8.07 -30.21 -22.73
C TYR B 38 7.85 -28.69 -22.82
N LEU B 39 7.35 -28.09 -21.73
CA LEU B 39 7.08 -26.67 -21.71
C LEU B 39 7.70 -25.94 -20.53
N LEU B 40 8.09 -24.70 -20.75
CA LEU B 40 8.66 -23.89 -19.67
C LEU B 40 7.72 -22.73 -19.37
N TYR B 41 7.18 -22.67 -18.16
CA TYR B 41 6.31 -21.54 -17.79
C TYR B 41 7.20 -20.58 -17.02
N GLU B 42 7.16 -19.30 -17.36
CA GLU B 42 8.01 -18.35 -16.67
C GLU B 42 7.52 -16.91 -16.56
N LEU B 43 7.55 -16.38 -15.33
CA LEU B 43 7.22 -14.98 -15.10
C LEU B 43 8.65 -14.43 -14.95
N GLY B 44 9.01 -13.43 -15.74
CA GLY B 44 10.35 -12.91 -15.61
C GLY B 44 10.47 -11.44 -15.90
N ILE B 45 11.63 -10.89 -15.55
CA ILE B 45 11.92 -9.49 -15.77
C ILE B 45 13.43 -9.31 -15.78
N GLU B 46 13.91 -8.47 -16.70
CA GLU B 46 15.33 -8.21 -16.83
C GLU B 46 15.54 -6.71 -16.80
N HIS B 48 18.70 -3.38 -15.80
CA HIS B 48 20.12 -3.04 -15.77
C HIS B 48 20.69 -3.30 -14.38
N ILE B 49 22.01 -3.40 -14.29
CA ILE B 49 22.64 -3.64 -13.00
C ILE B 49 22.26 -2.58 -11.96
N ARG B 50 21.93 -1.37 -12.40
CA ARG B 50 21.55 -0.32 -11.46
C ARG B 50 20.27 -0.69 -10.67
N ASP B 51 19.53 -1.68 -11.15
CA ASP B 51 18.28 -2.09 -10.48
C ASP B 51 18.32 -3.47 -9.81
N ILE B 52 19.51 -4.00 -9.57
CA ILE B 52 19.62 -5.33 -8.97
C ILE B 52 18.98 -5.39 -7.58
N GLN B 53 19.13 -4.33 -6.80
CA GLN B 53 18.55 -4.30 -5.47
C GLN B 53 17.03 -4.34 -5.57
N LEU B 54 16.50 -3.71 -6.61
CA LEU B 54 15.06 -3.69 -6.82
C LEU B 54 14.56 -5.09 -7.07
N LEU B 55 15.38 -5.90 -7.76
CA LEU B 55 14.99 -7.26 -8.06
C LEU B 55 15.00 -8.11 -6.78
N TYR B 56 15.94 -7.84 -5.88
CA TYR B 56 15.98 -8.56 -4.60
C TYR B 56 14.78 -8.14 -3.79
N LYS B 57 14.38 -6.86 -3.91
CA LYS B 57 13.19 -6.40 -3.19
C LYS B 57 11.94 -7.15 -3.68
N ILE B 58 11.86 -7.35 -4.99
CA ILE B 58 10.74 -8.07 -5.59
C ILE B 58 10.75 -9.50 -5.06
N LYS B 59 11.91 -10.14 -5.12
CA LYS B 59 12.06 -11.50 -4.67
C LYS B 59 11.54 -11.60 -3.24
N ASN B 60 11.93 -10.63 -2.43
CA ASN B 60 11.53 -10.56 -1.02
C ASN B 60 10.06 -10.36 -0.78
N ILE B 61 9.44 -9.44 -1.52
CA ILE B 61 8.03 -9.19 -1.37
C ILE B 61 7.16 -10.37 -1.83
N LEU B 62 7.56 -10.99 -2.93
CA LEU B 62 6.81 -12.10 -3.48
C LEU B 62 7.08 -13.41 -2.72
N GLY B 63 8.25 -13.51 -2.09
CA GLY B 63 8.60 -14.69 -1.34
C GLY B 63 9.03 -15.85 -2.22
N ILE B 64 9.08 -15.62 -3.53
CA ILE B 64 9.47 -16.65 -4.48
C ILE B 64 10.42 -16.05 -5.50
N GLY B 65 10.93 -16.92 -6.38
CA GLY B 65 11.82 -16.47 -7.44
C GLY B 65 13.31 -16.57 -7.19
N LYS B 66 14.09 -16.24 -8.22
CA LYS B 66 15.55 -16.24 -8.20
C LYS B 66 16.12 -15.01 -8.91
N VAL B 67 17.16 -14.43 -8.34
CA VAL B 67 17.81 -13.28 -8.94
C VAL B 67 19.14 -13.75 -9.52
N THR B 68 19.36 -13.50 -10.80
CA THR B 68 20.59 -13.93 -11.43
C THR B 68 21.19 -12.79 -12.22
N ILE B 69 22.45 -12.98 -12.61
CA ILE B 69 23.16 -12.00 -13.41
C ILE B 69 23.54 -12.69 -14.70
N LYS B 70 23.23 -12.04 -15.82
CA LYS B 70 23.51 -12.56 -17.14
C LYS B 70 24.60 -11.74 -17.81
N LYS B 71 25.52 -12.42 -18.46
CA LYS B 71 26.61 -11.73 -19.13
C LYS B 71 26.36 -11.83 -20.62
N LEU B 72 26.20 -10.69 -21.27
CA LEU B 72 25.97 -10.66 -22.71
C LEU B 72 27.30 -10.50 -23.44
N LYS B 73 27.55 -11.38 -24.39
CA LYS B 73 28.77 -11.28 -25.19
C LYS B 73 28.47 -10.35 -26.35
N LYS B 75 29.14 -7.89 -29.70
CA LYS B 75 29.83 -8.13 -30.97
C LYS B 75 31.28 -7.68 -30.91
N ASP B 76 31.52 -6.52 -30.30
CA ASP B 76 32.87 -5.94 -30.20
C ASP B 76 33.88 -6.72 -29.34
N GLY B 77 33.41 -7.68 -28.56
CA GLY B 77 34.31 -8.44 -27.70
C GLY B 77 34.15 -8.10 -26.23
N THR B 78 33.35 -7.08 -25.93
CA THR B 78 33.10 -6.69 -24.55
C THR B 78 31.89 -7.45 -24.02
N ILE B 79 31.63 -7.25 -22.73
CA ILE B 79 30.52 -7.92 -22.07
C ILE B 79 29.63 -6.89 -21.38
N LYS B 80 28.33 -6.99 -21.63
CA LYS B 80 27.37 -6.10 -21.01
C LYS B 80 26.65 -6.92 -19.95
N GLU B 81 26.24 -6.27 -18.88
CA GLU B 81 25.55 -6.99 -17.83
C GLU B 81 24.12 -6.55 -17.62
N CYS B 83 20.52 -7.90 -15.01
CA CYS B 83 20.16 -8.75 -13.89
C CYS B 83 18.76 -9.24 -14.21
N LYS B 84 18.39 -10.38 -13.64
CA LYS B 84 17.08 -10.95 -13.92
C LYS B 84 16.39 -11.60 -12.72
N PHE B 85 15.08 -11.48 -12.71
CA PHE B 85 14.26 -12.10 -11.68
C PHE B 85 13.24 -12.93 -12.45
N ASN B 86 13.03 -14.16 -12.00
CA ASN B 86 12.07 -15.05 -12.64
C ASN B 86 11.53 -16.11 -11.67
N VAL B 87 10.36 -16.65 -12.01
CA VAL B 87 9.70 -17.71 -11.24
C VAL B 87 9.34 -18.79 -12.26
N ARG B 88 9.83 -20.02 -12.01
CA ARG B 88 9.57 -21.13 -12.93
C ARG B 88 8.83 -22.31 -12.29
N ASN B 89 8.78 -22.31 -10.95
CA ASN B 89 8.12 -23.36 -10.21
C ASN B 89 6.61 -23.24 -10.41
N LYS B 90 6.03 -24.31 -10.96
CA LYS B 90 4.60 -24.34 -11.24
C LYS B 90 3.70 -24.11 -10.04
N ASN B 91 4.08 -24.64 -8.89
CA ASN B 91 3.25 -24.44 -7.70
C ASN B 91 3.36 -23.00 -7.22
N HIS B 92 4.54 -22.39 -7.36
CA HIS B 92 4.73 -21.00 -6.94
C HIS B 92 3.92 -20.08 -7.83
N LEU B 93 3.89 -20.39 -9.12
CA LEU B 93 3.13 -19.61 -10.09
C LEU B 93 1.64 -19.72 -9.80
N LYS B 94 1.17 -20.95 -9.55
CA LYS B 94 -0.24 -21.19 -9.26
C LYS B 94 -0.70 -20.57 -7.95
N ASN B 95 0.17 -20.63 -6.94
CA ASN B 95 -0.19 -20.09 -5.63
C ASN B 95 0.10 -18.63 -5.34
N ILE B 96 1.09 -18.03 -6.01
CA ILE B 96 1.39 -16.64 -5.71
C ILE B 96 1.03 -15.70 -6.85
N ILE B 97 1.60 -15.99 -8.01
CA ILE B 97 1.43 -15.18 -9.20
C ILE B 97 0.01 -15.11 -9.77
N ILE B 98 -0.65 -16.26 -9.86
CA ILE B 98 -2.02 -16.29 -10.39
C ILE B 98 -2.93 -15.37 -9.58
N PRO B 99 -2.94 -15.53 -8.25
CA PRO B 99 -3.78 -14.70 -7.38
C PRO B 99 -3.46 -13.20 -7.48
N ILE B 100 -2.17 -12.86 -7.62
CA ILE B 100 -1.83 -11.46 -7.72
C ILE B 100 -2.39 -10.89 -9.03
N PHE B 101 -2.08 -11.53 -10.16
CA PHE B 101 -2.59 -11.02 -11.43
C PHE B 101 -4.13 -11.08 -11.58
N ASN B 102 -4.79 -12.01 -10.88
CA ASN B 102 -6.26 -12.12 -10.96
C ASN B 102 -6.84 -10.90 -10.29
N LYS B 103 -6.23 -10.53 -9.17
CA LYS B 103 -6.64 -9.40 -8.36
C LYS B 103 -6.35 -8.03 -8.98
N TYR B 104 -5.19 -7.89 -9.60
CA TYR B 104 -4.78 -6.64 -10.23
C TYR B 104 -4.30 -6.92 -11.64
N PRO B 105 -5.22 -7.33 -12.53
CA PRO B 105 -4.89 -7.65 -13.92
C PRO B 105 -4.20 -6.52 -14.67
N LEU B 107 -3.24 -3.87 -17.65
CA LEU B 107 -4.13 -2.91 -18.34
C LEU B 107 -4.16 -2.95 -19.86
N THR B 108 -3.06 -3.34 -20.49
CA THR B 108 -3.00 -3.37 -21.93
C THR B 108 -3.36 -4.74 -22.48
N ASN B 109 -3.14 -4.93 -23.76
CA ASN B 109 -3.42 -6.19 -24.44
C ASN B 109 -2.54 -7.31 -23.88
N LYS B 110 -1.44 -6.92 -23.23
CA LYS B 110 -0.50 -7.88 -22.65
C LYS B 110 -1.29 -8.77 -21.70
N HIS B 111 -2.40 -8.24 -21.19
CA HIS B 111 -3.26 -9.01 -20.30
C HIS B 111 -3.60 -10.39 -20.91
N TYR B 112 -3.81 -10.44 -22.22
CA TYR B 112 -4.13 -11.69 -22.92
C TYR B 112 -3.05 -12.74 -22.73
N ASP B 113 -1.80 -12.29 -22.62
CA ASP B 113 -0.68 -13.21 -22.41
C ASP B 113 -0.95 -13.94 -21.09
N TYR B 114 -1.44 -13.19 -20.11
CA TYR B 114 -1.75 -13.72 -18.78
C TYR B 114 -2.85 -14.78 -18.82
N LEU B 115 -3.98 -14.44 -19.44
CA LEU B 115 -5.09 -15.38 -19.53
C LEU B 115 -4.64 -16.71 -20.17
N TYR B 116 -3.82 -16.61 -21.22
CA TYR B 116 -3.32 -17.80 -21.89
C TYR B 116 -2.39 -18.59 -20.95
N PHE B 117 -1.47 -17.87 -20.33
CA PHE B 117 -0.52 -18.46 -19.41
C PHE B 117 -1.30 -19.21 -18.31
N LYS B 118 -2.25 -18.50 -17.72
CA LYS B 118 -3.09 -19.06 -16.66
C LYS B 118 -3.94 -20.27 -17.09
N ASP B 119 -4.67 -20.14 -18.18
CA ASP B 119 -5.52 -21.23 -18.65
C ASP B 119 -4.74 -22.53 -18.75
N ASN B 120 -3.60 -22.48 -19.45
CA ASN B 120 -2.76 -23.64 -19.64
C ASN B 120 -2.11 -24.15 -18.38
N LEU B 121 -1.63 -23.23 -17.55
CA LEU B 121 -0.98 -23.61 -16.29
C LEU B 121 -1.93 -24.40 -15.40
N LEU B 122 -3.13 -23.88 -15.19
CA LEU B 122 -4.10 -24.53 -14.32
C LEU B 122 -4.58 -25.88 -14.86
N LYS B 123 -4.47 -26.09 -16.16
CA LYS B 123 -4.86 -27.35 -16.77
C LYS B 123 -3.71 -28.34 -16.80
N ASP B 124 -2.59 -27.96 -16.17
CA ASP B 124 -1.38 -28.78 -16.10
C ASP B 124 -0.84 -29.24 -17.46
N ILE B 125 -0.98 -28.40 -18.47
CA ILE B 125 -0.45 -28.76 -19.79
C ILE B 125 1.08 -28.80 -19.64
N LYS B 126 1.70 -29.91 -20.03
CA LYS B 126 3.16 -30.01 -19.92
C LYS B 126 3.88 -30.40 -21.20
N TYR B 127 3.18 -31.08 -22.12
CA TYR B 127 3.80 -31.45 -23.38
C TYR B 127 3.46 -30.39 -24.42
N TYR B 128 4.46 -29.97 -25.18
CA TYR B 128 4.28 -28.95 -26.20
C TYR B 128 3.19 -29.24 -27.23
N ASN B 129 2.88 -30.52 -27.47
CA ASN B 129 1.85 -30.86 -28.46
C ASN B 129 0.42 -30.78 -27.96
N ASP B 130 0.25 -30.54 -26.66
CA ASP B 130 -1.08 -30.42 -26.08
C ASP B 130 -1.43 -28.93 -26.00
N LEU B 131 -0.46 -28.09 -26.36
CA LEU B 131 -0.59 -26.63 -26.30
C LEU B 131 -1.18 -26.00 -27.56
N SER B 132 -2.23 -25.22 -27.38
CA SER B 132 -2.88 -24.57 -28.50
C SER B 132 -2.08 -23.37 -28.99
N TYR B 133 -2.42 -22.90 -30.19
CA TYR B 133 -1.77 -21.76 -30.82
C TYR B 133 -2.13 -20.46 -30.12
N TYR B 134 -1.22 -19.49 -30.17
CA TYR B 134 -1.48 -18.20 -29.52
C TYR B 134 -0.75 -17.00 -30.13
N LEU B 135 -1.51 -15.93 -30.37
CA LEU B 135 -0.94 -14.70 -30.89
C LEU B 135 -1.67 -13.57 -30.16
N ARG B 136 -0.92 -12.71 -29.49
CA ARG B 136 -1.55 -11.62 -28.74
C ARG B 136 -2.46 -10.78 -29.63
N PRO B 137 -3.71 -10.58 -29.20
CA PRO B 137 -4.69 -9.77 -29.93
C PRO B 137 -4.13 -8.39 -30.17
N ILE B 138 -4.64 -7.73 -31.21
CA ILE B 138 -4.21 -6.38 -31.56
C ILE B 138 -5.17 -5.34 -31.00
N LYS B 139 -6.37 -5.80 -30.66
CA LYS B 139 -7.38 -4.92 -30.10
C LYS B 139 -7.07 -4.63 -28.62
N PRO B 140 -7.35 -3.39 -28.17
CA PRO B 140 -7.09 -3.05 -26.77
C PRO B 140 -8.14 -3.67 -25.87
N PHE B 141 -7.68 -4.42 -24.88
CA PHE B 141 -8.59 -5.07 -23.94
C PHE B 141 -9.52 -4.07 -23.25
N ASN B 142 -8.95 -2.94 -22.81
CA ASN B 142 -9.71 -1.91 -22.10
C ASN B 142 -9.79 -0.61 -22.89
N THR B 143 -10.75 0.22 -22.51
CA THR B 143 -10.90 1.54 -23.11
C THR B 143 -10.30 2.45 -22.04
N THR B 144 -9.97 3.68 -22.42
CA THR B 144 -9.40 4.61 -21.47
C THR B 144 -10.27 4.77 -20.23
N GLU B 145 -11.58 4.60 -20.40
CA GLU B 145 -12.51 4.75 -19.29
C GLU B 145 -12.59 3.52 -18.39
N ASP B 146 -12.30 2.34 -18.93
CA ASP B 146 -12.31 1.13 -18.11
C ASP B 146 -11.12 1.25 -17.16
N ILE B 147 -10.03 1.78 -17.69
CA ILE B 147 -8.81 1.99 -16.91
C ILE B 147 -9.10 2.97 -15.78
N LEU B 148 -9.62 4.14 -16.13
CA LEU B 148 -9.94 5.15 -15.14
C LEU B 148 -10.97 4.69 -14.10
N ASN B 149 -11.69 3.61 -14.40
CA ASN B 149 -12.67 3.09 -13.43
C ASN B 149 -12.04 2.06 -12.47
N LYS B 150 -10.81 1.63 -12.77
CA LYS B 150 -10.11 0.67 -11.92
C LYS B 150 -9.56 1.40 -10.70
N ASN B 151 -9.88 0.88 -9.52
CA ASN B 151 -9.45 1.51 -8.29
C ASN B 151 -8.01 1.26 -7.86
N TYR B 152 -7.21 0.61 -8.70
CA TYR B 152 -5.83 0.36 -8.34
C TYR B 152 -4.89 0.96 -9.39
N PHE B 153 -5.45 1.83 -10.21
CA PHE B 153 -4.71 2.50 -11.28
C PHE B 153 -3.49 3.28 -10.79
N SER B 154 -3.70 4.13 -9.79
CA SER B 154 -2.61 4.93 -9.25
C SER B 154 -1.44 4.09 -8.72
N SER B 155 -1.73 2.88 -8.23
CA SER B 155 -0.69 1.99 -7.69
C SER B 155 0.02 1.29 -8.84
N TRP B 156 -0.76 0.86 -9.82
CA TRP B 156 -0.22 0.20 -10.99
C TRP B 156 0.72 1.18 -11.68
N LEU B 157 0.33 2.45 -11.67
CA LEU B 157 1.09 3.51 -12.34
C LEU B 157 2.48 3.75 -11.78
N ILE B 158 2.67 3.60 -10.48
CA ILE B 158 4.01 3.80 -9.92
C ILE B 158 4.93 2.68 -10.38
N GLY B 159 4.35 1.49 -10.53
CA GLY B 159 5.15 0.36 -10.99
C GLY B 159 5.45 0.53 -12.47
N PHE B 160 4.50 1.12 -13.19
CA PHE B 160 4.69 1.35 -14.61
C PHE B 160 5.71 2.46 -14.79
N PHE B 161 5.62 3.49 -13.95
CA PHE B 161 6.58 4.58 -14.03
C PHE B 161 7.99 4.09 -13.68
N GLU B 162 8.07 3.16 -12.72
CA GLU B 162 9.34 2.61 -12.28
C GLU B 162 10.06 2.02 -13.47
N ALA B 163 9.28 1.41 -14.36
CA ALA B 163 9.84 0.78 -15.53
C ALA B 163 9.90 1.61 -16.80
N LYS B 164 8.92 2.49 -17.01
CA LYS B 164 8.86 3.25 -18.26
C LYS B 164 8.84 4.78 -18.25
N SER B 165 9.01 5.40 -17.10
CA SER B 165 9.01 6.85 -17.07
C SER B 165 10.44 7.35 -16.98
N CYS B 166 10.63 8.60 -17.37
CA CYS B 166 11.96 9.21 -17.37
C CYS B 166 11.89 10.68 -16.93
N PHE B 167 12.76 11.05 -15.98
CA PHE B 167 12.85 12.41 -15.47
C PHE B 167 14.17 13.01 -15.96
N SER B 168 14.08 14.14 -16.66
CA SER B 168 15.30 14.79 -17.17
C SER B 168 15.29 16.32 -17.10
N ILE B 169 16.48 16.87 -16.87
CA ILE B 169 16.71 18.30 -16.80
C ILE B 169 17.77 18.64 -17.84
N TYR B 170 17.41 19.47 -18.83
CA TYR B 170 18.38 19.83 -19.86
C TYR B 170 18.51 21.33 -20.14
N LYS B 171 19.65 21.70 -20.71
CA LYS B 171 19.94 23.10 -21.04
C LYS B 171 19.01 23.62 -22.12
N LYS B 178 17.35 26.57 -18.36
CA LYS B 178 17.02 25.16 -18.17
C LYS B 178 15.53 24.83 -18.24
N THR B 179 15.25 23.56 -18.51
CA THR B 179 13.88 23.08 -18.60
C THR B 179 13.79 21.67 -18.02
N ALA B 180 12.61 21.35 -17.48
CA ALA B 180 12.36 20.05 -16.88
C ALA B 180 11.25 19.34 -17.64
N SER B 181 11.41 18.05 -17.86
CA SER B 181 10.40 17.27 -18.57
C SER B 181 10.16 15.88 -17.98
N PHE B 182 8.96 15.39 -18.17
CA PHE B 182 8.57 14.07 -17.71
C PHE B 182 8.09 13.32 -18.92
N GLU B 183 8.63 12.12 -19.14
CA GLU B 183 8.21 11.35 -20.27
C GLU B 183 7.88 9.90 -19.90
N VAL B 184 7.00 9.32 -20.68
CA VAL B 184 6.55 7.95 -20.49
C VAL B 184 6.67 7.23 -21.83
N SER B 185 7.55 6.25 -21.89
CA SER B 185 7.73 5.48 -23.11
C SER B 185 6.48 4.66 -23.37
N ASN B 187 4.35 1.96 -26.02
CA ASN B 187 4.52 0.94 -27.03
C ASN B 187 3.14 0.74 -27.62
N ASN B 188 2.66 1.80 -28.27
CA ASN B 188 1.33 1.84 -28.89
C ASN B 188 0.26 1.32 -27.94
N ASN B 189 -0.07 2.13 -26.94
CA ASN B 189 -1.09 1.78 -25.96
C ASN B 189 -1.78 3.06 -25.51
N GLU B 191 -4.69 4.06 -25.09
CA GLU B 191 -5.74 4.01 -24.09
C GLU B 191 -5.15 4.24 -22.70
N VAL B 192 -3.95 3.70 -22.47
CA VAL B 192 -3.26 3.86 -21.18
C VAL B 192 -2.67 5.27 -21.09
N LEU B 194 -3.72 7.98 -22.54
CA LEU B 194 -4.79 8.96 -22.38
C LEU B 194 -5.34 8.89 -20.96
N ALA B 195 -5.37 7.69 -20.39
CA ALA B 195 -5.84 7.55 -19.01
C ALA B 195 -4.88 8.30 -18.09
N ILE B 196 -3.58 8.20 -18.39
CA ILE B 196 -2.57 8.88 -17.59
C ILE B 196 -2.67 10.39 -17.74
N LYS B 197 -2.78 10.84 -18.98
CA LYS B 197 -2.87 12.26 -19.26
C LYS B 197 -4.06 12.84 -18.50
N SER B 198 -5.18 12.14 -18.54
CA SER B 198 -6.39 12.57 -17.87
C SER B 198 -6.29 12.50 -16.35
N TYR B 199 -6.02 11.30 -15.84
CA TYR B 199 -5.91 11.09 -14.39
C TYR B 199 -4.97 12.11 -13.75
N LEU B 200 -3.90 12.48 -14.45
CA LEU B 200 -2.96 13.44 -13.89
C LEU B 200 -3.17 14.88 -14.33
N LYS B 201 -4.19 15.11 -15.16
CA LYS B 201 -4.48 16.45 -15.64
C LYS B 201 -3.26 17.11 -16.29
N ILE B 202 -2.66 16.42 -17.24
CA ILE B 202 -1.51 16.90 -17.98
C ILE B 202 -2.01 17.54 -19.28
N ASN B 203 -1.71 18.82 -19.47
CA ASN B 203 -2.20 19.56 -20.64
C ASN B 203 -1.22 19.79 -21.79
N ASN B 204 0.01 20.15 -21.47
CA ASN B 204 1.03 20.44 -22.47
C ASN B 204 1.88 19.27 -22.90
N ASN B 205 1.27 18.08 -23.01
CA ASN B 205 2.01 16.89 -23.42
C ASN B 205 2.13 16.78 -24.93
N ILE B 206 3.37 16.57 -25.40
CA ILE B 206 3.62 16.41 -26.82
C ILE B 206 4.09 14.98 -27.05
N TYR B 207 3.51 14.31 -28.05
CA TYR B 207 3.87 12.94 -28.37
C TYR B 207 5.03 12.94 -29.38
N ASN B 209 8.19 10.40 -31.86
CA ASN B 209 8.51 9.19 -32.61
C ASN B 209 9.95 9.22 -33.09
N GLU B 210 10.88 8.92 -32.19
CA GLU B 210 12.30 8.90 -32.49
C GLU B 210 12.80 7.47 -32.69
N PHE B 211 12.78 7.03 -33.95
CA PHE B 211 13.18 5.66 -34.32
C PHE B 211 12.12 4.70 -33.78
N ASN B 212 10.85 5.02 -34.03
CA ASN B 212 9.73 4.22 -33.55
C ASN B 212 9.78 4.12 -32.04
N ASN B 213 10.41 5.11 -31.42
CA ASN B 213 10.52 5.18 -29.96
C ASN B 213 9.45 6.18 -29.52
N SER B 214 8.19 5.80 -29.74
CA SER B 214 7.05 6.63 -29.38
C SER B 214 6.96 6.85 -27.87
N LYS B 215 6.93 8.12 -27.47
CA LYS B 215 6.85 8.50 -26.07
C LYS B 215 5.92 9.70 -25.88
N THR B 217 5.66 13.31 -23.72
CA THR B 217 6.47 14.23 -22.93
C THR B 217 5.75 15.53 -22.60
N THR B 218 6.27 16.23 -21.59
CA THR B 218 5.72 17.50 -21.15
C THR B 218 6.83 18.23 -20.41
N LYS B 219 6.83 19.56 -20.51
CA LYS B 219 7.84 20.36 -19.85
C LYS B 219 7.23 21.57 -19.15
N SER B 220 5.95 21.82 -19.41
CA SER B 220 5.27 22.94 -18.79
C SER B 220 5.41 22.87 -17.28
N ILE B 221 5.45 24.03 -16.63
CA ILE B 221 5.61 24.11 -15.20
C ILE B 221 4.48 23.48 -14.37
N ASN B 222 3.24 23.63 -14.81
CA ASN B 222 2.15 23.05 -14.04
C ASN B 222 2.08 21.54 -14.19
N ASP B 223 2.34 21.04 -15.40
CA ASP B 223 2.31 19.60 -15.62
C ASP B 223 3.34 18.92 -14.71
N ILE B 224 4.54 19.51 -14.64
CA ILE B 224 5.60 18.98 -13.81
C ILE B 224 5.17 18.99 -12.35
N LYS B 225 4.52 20.06 -11.92
CA LYS B 225 4.05 20.16 -10.55
C LYS B 225 3.08 19.01 -10.28
N ASN B 226 2.19 18.77 -11.23
CA ASN B 226 1.20 17.71 -11.11
C ASN B 226 1.87 16.34 -10.97
N VAL B 227 2.89 16.08 -11.78
CA VAL B 227 3.61 14.82 -11.74
C VAL B 227 4.33 14.66 -10.42
N VAL B 228 5.09 15.68 -10.04
CA VAL B 228 5.83 15.64 -8.80
C VAL B 228 4.90 15.41 -7.61
N PHE B 230 1.89 14.09 -7.52
CA PHE B 230 1.21 12.78 -7.56
C PHE B 230 2.20 11.73 -7.06
N ILE B 231 3.44 11.81 -7.53
CA ILE B 231 4.46 10.86 -7.12
C ILE B 231 4.72 11.02 -5.63
N ASN B 232 4.86 12.27 -5.20
CA ASN B 232 5.14 12.56 -3.80
C ASN B 232 4.04 12.19 -2.83
N ASN B 233 2.79 12.42 -3.22
CA ASN B 233 1.66 12.12 -2.34
C ASN B 233 1.18 10.67 -2.36
N ASN B 234 1.73 9.84 -3.24
CA ASN B 234 1.30 8.45 -3.34
C ASN B 234 2.00 7.61 -2.28
N PRO B 235 1.25 6.80 -1.52
CA PRO B 235 1.88 5.96 -0.48
C PRO B 235 2.68 4.83 -1.12
N ILE B 236 2.38 4.52 -2.39
CA ILE B 236 3.10 3.48 -3.12
C ILE B 236 4.30 4.20 -3.74
N LYS B 237 5.50 3.70 -3.49
CA LYS B 237 6.70 4.38 -3.97
C LYS B 237 7.64 3.72 -4.96
N LEU B 238 8.45 4.55 -5.61
CA LEU B 238 9.47 4.08 -6.54
C LEU B 238 10.49 3.40 -5.63
N LEU B 239 10.99 2.22 -6.03
CA LEU B 239 11.90 1.46 -5.19
C LEU B 239 13.31 1.25 -5.71
N GLY B 240 13.50 1.32 -7.02
CA GLY B 240 14.82 1.10 -7.58
C GLY B 240 15.50 2.37 -8.07
N TYR B 241 16.32 2.24 -9.10
CA TYR B 241 17.04 3.38 -9.67
C TYR B 241 16.10 4.55 -10.00
N LYS B 242 14.93 4.24 -10.53
CA LYS B 242 13.98 5.29 -10.88
C LYS B 242 13.69 6.27 -9.74
N LYS B 243 13.84 5.78 -8.51
CA LYS B 243 13.61 6.61 -7.34
C LYS B 243 14.77 7.58 -7.18
N LEU B 244 15.97 7.11 -7.48
CA LEU B 244 17.16 7.94 -7.39
C LEU B 244 17.11 9.02 -8.49
N GLN B 245 16.65 8.64 -9.68
CA GLN B 245 16.56 9.59 -10.78
C GLN B 245 15.57 10.68 -10.41
N TYR B 246 14.46 10.27 -9.80
CA TYR B 246 13.42 11.18 -9.36
C TYR B 246 13.93 12.15 -8.31
N LEU B 247 14.62 11.62 -7.32
CA LEU B 247 15.16 12.45 -6.25
C LEU B 247 16.24 13.40 -6.82
N LEU B 248 16.99 12.94 -7.81
CA LEU B 248 18.02 13.81 -8.41
C LEU B 248 17.30 14.87 -9.23
N PHE B 249 16.17 14.49 -9.82
CA PHE B 249 15.38 15.40 -10.63
C PHE B 249 14.92 16.56 -9.77
N LEU B 250 14.37 16.24 -8.60
CA LEU B 250 13.89 17.25 -7.65
C LEU B 250 15.03 18.14 -7.17
N LYS B 251 16.17 17.51 -6.91
CA LYS B 251 17.34 18.24 -6.45
C LYS B 251 17.65 19.34 -7.47
N ASP B 252 17.59 18.99 -8.74
CA ASP B 252 17.85 19.94 -9.82
C ASP B 252 16.74 20.98 -9.94
N LEU B 253 15.50 20.48 -10.02
CA LEU B 253 14.34 21.34 -10.17
C LEU B 253 14.33 22.48 -9.15
N ARG B 254 14.90 22.23 -7.97
CA ARG B 254 14.95 23.25 -6.92
C ARG B 254 15.83 24.43 -7.30
N THR B 255 16.79 24.21 -8.19
CA THR B 255 17.69 25.28 -8.61
C THR B 255 17.15 26.06 -9.79
N ILE B 256 16.24 25.46 -10.56
CA ILE B 256 15.68 26.15 -11.71
C ILE B 256 14.64 27.14 -11.23
N THR B 257 14.95 28.42 -11.38
CA THR B 257 14.08 29.51 -10.97
C THR B 257 12.58 29.38 -11.24
N LYS B 258 12.20 29.30 -12.51
CA LYS B 258 10.78 29.22 -12.83
C LYS B 258 10.03 28.04 -12.21
N TYR B 259 10.74 27.00 -11.80
CA TYR B 259 10.04 25.86 -11.21
C TYR B 259 10.00 25.93 -9.68
N ASN B 260 11.16 26.13 -9.06
CA ASN B 260 11.26 26.19 -7.62
C ASN B 260 10.39 27.28 -6.99
N ASN B 261 10.05 28.30 -7.78
CA ASN B 261 9.23 29.39 -7.27
C ASN B 261 7.75 29.11 -7.46
N TYR B 262 7.42 28.45 -8.57
CA TYR B 262 6.04 28.12 -8.89
C TYR B 262 5.35 27.24 -7.84
N PHE B 263 6.12 26.45 -7.09
CA PHE B 263 5.51 25.60 -6.07
C PHE B 263 6.53 25.02 -5.07
N LYS B 264 6.02 24.33 -4.05
CA LYS B 264 6.91 23.75 -3.04
C LYS B 264 7.37 22.34 -3.35
N ILE B 265 8.51 22.24 -4.02
CA ILE B 265 9.12 20.97 -4.34
C ILE B 265 9.46 20.33 -2.99
N PRO B 266 8.76 19.25 -2.61
CA PRO B 266 8.96 18.54 -1.34
C PRO B 266 10.38 18.07 -1.07
N SER B 267 10.71 17.94 0.21
CA SER B 267 12.03 17.50 0.63
C SER B 267 12.05 16.13 1.27
N LYS B 268 10.88 15.53 1.41
CA LYS B 268 10.77 14.20 2.01
C LYS B 268 10.10 13.21 1.07
N TYR B 269 10.78 12.09 0.80
CA TYR B 269 10.28 11.01 -0.06
C TYR B 269 11.09 9.75 0.23
#